data_8BAR
#
_entry.id   8BAR
#
_cell.length_a   61.759
_cell.length_b   61.759
_cell.length_c   215.039
_cell.angle_alpha   90.000
_cell.angle_beta   90.000
_cell.angle_gamma   90.000
#
_symmetry.space_group_name_H-M   'P 43 21 2'
#
loop_
_entity.id
_entity.type
_entity.pdbx_description
1 polymer 'E. coli C7 DarT1'
2 polymer "DNA (5'-D(*AP*AP*GP*AP*C)-3')"
3 non-polymer 1,2-ETHANEDIOL
4 non-polymer NICOTINAMIDE
5 non-polymer ADENOSINE-5-DIPHOSPHORIBOSE
6 water water
#
loop_
_entity_poly.entity_id
_entity_poly.type
_entity_poly.pdbx_seq_one_letter_code
_entity_poly.pdbx_strand_id
1 'polypeptide(L)'
;SMTIQEIIQQRNIRSLFHFTHSDNLTSILDNGLMSRSELDNENNEYNCNDEERIDGHPDAICLSVSYPNAKMFYKYRCLK
PGDWVILEINPSVLWAKDCAFYPTNAASNNVRFINLDLMKGAEAFSALFSENVFGIQRDVNLPSEYTTDVQAAILVFEKI
PPSYIISTFHPNKESAEHFKRLYPQTIQRYYDNLNARTLYSQRHYYLG
;
A
2 'polydeoxyribonucleotide' (DA)(DA)(DG)(DA)(DC) D
#
loop_
_chem_comp.id
_chem_comp.type
_chem_comp.name
_chem_comp.formula
APR non-polymer ADENOSINE-5-DIPHOSPHORIBOSE 'C15 H23 N5 O14 P2'
DA DNA linking 2'-DEOXYADENOSINE-5'-MONOPHOSPHATE 'C10 H14 N5 O6 P'
DC DNA linking 2'-DEOXYCYTIDINE-5'-MONOPHOSPHATE 'C9 H14 N3 O7 P'
DG DNA linking 2'-DEOXYGUANOSINE-5'-MONOPHOSPHATE 'C10 H14 N5 O7 P'
EDO non-polymer 1,2-ETHANEDIOL 'C2 H6 O2'
NCA non-polymer NICOTINAMIDE 'C6 H6 N2 O'
#
# COMPACT_ATOMS: atom_id res chain seq x y z
N SER A 1 23.13 -4.04 -12.97
CA SER A 1 21.67 -3.90 -12.96
C SER A 1 21.28 -2.86 -11.88
N MET A 2 20.16 -2.17 -12.07
CA MET A 2 19.77 -1.11 -11.14
C MET A 2 19.38 -1.70 -9.79
N THR A 3 19.68 -0.97 -8.71
CA THR A 3 19.21 -1.34 -7.38
C THR A 3 17.80 -0.80 -7.15
N ILE A 4 17.15 -1.34 -6.10
CA ILE A 4 15.84 -0.86 -5.64
C ILE A 4 15.91 0.64 -5.40
N GLN A 5 17.00 1.11 -4.73
CA GLN A 5 17.14 2.53 -4.45
C GLN A 5 17.27 3.36 -5.74
N GLU A 6 18.05 2.86 -6.69
CA GLU A 6 18.21 3.52 -7.96
C GLU A 6 16.89 3.66 -8.70
N ILE A 7 16.05 2.62 -8.64
CA ILE A 7 14.75 2.68 -9.33
C ILE A 7 13.86 3.74 -8.68
N ILE A 8 13.86 3.77 -7.37
CA ILE A 8 13.12 4.77 -6.60
C ILE A 8 13.55 6.17 -7.03
N GLN A 9 14.88 6.42 -7.08
CA GLN A 9 15.41 7.71 -7.46
CA GLN A 9 15.43 7.70 -7.48
C GLN A 9 14.98 8.07 -8.90
N GLN A 10 15.18 7.14 -9.84
CA GLN A 10 14.94 7.42 -11.24
C GLN A 10 13.45 7.70 -11.46
N ARG A 11 12.59 6.98 -10.74
CA ARG A 11 11.15 7.08 -11.00
C ARG A 11 10.45 8.11 -10.13
N ASN A 12 11.18 8.81 -9.26
CA ASN A 12 10.60 9.82 -8.38
C ASN A 12 9.53 9.20 -7.45
N ILE A 13 9.78 7.99 -6.97
CA ILE A 13 8.86 7.42 -5.99
C ILE A 13 9.11 8.07 -4.63
N ARG A 14 8.04 8.52 -3.97
CA ARG A 14 8.15 9.20 -2.69
C ARG A 14 7.28 8.55 -1.62
N SER A 15 6.30 7.74 -2.03
CA SER A 15 5.33 7.18 -1.09
C SER A 15 5.02 5.73 -1.40
N LEU A 16 4.90 4.90 -0.35
CA LEU A 16 4.15 3.66 -0.37
C LEU A 16 2.83 3.93 0.41
N PHE A 17 1.80 3.15 0.11
CA PHE A 17 0.50 3.35 0.77
C PHE A 17 -0.07 2.04 1.26
N HIS A 18 -0.83 2.12 2.35
CA HIS A 18 -1.58 0.99 2.90
C HIS A 18 -2.90 1.53 3.43
N PHE A 19 -4.00 1.12 2.80
CA PHE A 19 -5.32 1.52 3.31
C PHE A 19 -5.73 0.57 4.41
N THR A 20 -6.54 1.05 5.35
CA THR A 20 -7.01 0.20 6.45
C THR A 20 -8.20 0.90 7.09
N HIS A 21 -9.04 0.15 7.78
CA HIS A 21 -10.19 0.72 8.48
C HIS A 21 -9.64 1.51 9.65
N SER A 22 -10.31 2.62 10.01
CA SER A 22 -9.91 3.43 11.15
C SER A 22 -9.87 2.61 12.46
N ASP A 23 -10.71 1.55 12.57
CA ASP A 23 -10.69 0.68 13.73
C ASP A 23 -9.29 0.17 14.09
N ASN A 24 -8.42 0.05 13.09
CA ASN A 24 -7.09 -0.50 13.25
C ASN A 24 -6.02 0.54 13.58
N LEU A 25 -6.32 1.83 13.45
CA LEU A 25 -5.25 2.84 13.38
C LEU A 25 -4.54 3.00 14.71
N THR A 26 -5.29 3.01 15.83
CA THR A 26 -4.63 3.15 17.11
C THR A 26 -3.53 2.10 17.25
N SER A 27 -3.89 0.86 17.01
CA SER A 27 -3.01 -0.29 17.19
C SER A 27 -1.81 -0.21 16.25
N ILE A 28 -2.03 0.27 15.02
CA ILE A 28 -0.95 0.41 14.06
C ILE A 28 0.01 1.54 14.48
N LEU A 29 -0.52 2.69 14.91
CA LEU A 29 0.32 3.79 15.36
C LEU A 29 1.08 3.43 16.63
N ASP A 30 0.49 2.57 17.47
CA ASP A 30 1.18 2.04 18.66
C ASP A 30 2.27 1.02 18.32
N ASN A 31 1.99 0.07 17.42
CA ASN A 31 2.74 -1.18 17.35
C ASN A 31 3.41 -1.37 16.01
N GLY A 32 3.08 -0.51 15.04
CA GLY A 32 3.55 -0.72 13.67
C GLY A 32 2.57 -1.62 12.93
N LEU A 33 2.77 -1.75 11.61
CA LEU A 33 2.01 -2.74 10.86
C LEU A 33 2.54 -4.14 11.14
N MET A 34 1.61 -5.08 11.28
CA MET A 34 1.95 -6.48 11.45
C MET A 34 1.13 -7.32 10.47
N SER A 35 1.67 -8.48 10.15
CA SER A 35 0.96 -9.40 9.29
C SER A 35 -0.23 -10.01 10.03
N ARG A 36 -1.14 -10.58 9.26
CA ARG A 36 -2.22 -11.37 9.84
C ARG A 36 -1.71 -12.47 10.78
N SER A 37 -0.71 -13.24 10.34
CA SER A 37 -0.13 -14.31 11.15
C SER A 37 0.35 -13.78 12.47
N GLU A 38 1.06 -12.66 12.42
CA GLU A 38 1.63 -12.12 13.64
C GLU A 38 0.57 -11.53 14.56
N LEU A 39 -0.43 -10.81 13.99
CA LEU A 39 -1.49 -10.29 14.82
C LEU A 39 -2.18 -11.45 15.57
N ASP A 40 -2.43 -12.55 14.85
CA ASP A 40 -3.10 -13.71 15.42
C ASP A 40 -2.26 -14.32 16.55
N ASN A 41 -0.95 -14.39 16.32
CA ASN A 41 -0.01 -14.93 17.30
C ASN A 41 0.06 -14.07 18.57
N GLU A 42 -0.09 -12.76 18.41
CA GLU A 42 -0.01 -11.80 19.52
C GLU A 42 -1.39 -11.58 20.15
N ASN A 43 -2.40 -12.30 19.66
CA ASN A 43 -3.79 -12.07 20.04
C ASN A 43 -4.15 -10.59 19.98
N ASN A 44 -3.72 -9.87 18.93
CA ASN A 44 -4.08 -8.47 18.75
C ASN A 44 -5.40 -8.41 17.99
N GLU A 45 -6.29 -7.50 18.41
CA GLU A 45 -7.53 -7.30 17.70
C GLU A 45 -7.23 -6.59 16.39
N TYR A 46 -7.94 -6.99 15.33
CA TYR A 46 -7.82 -6.29 14.07
C TYR A 46 -9.09 -6.53 13.25
N ASN A 47 -9.36 -5.57 12.36
CA ASN A 47 -10.45 -5.66 11.39
C ASN A 47 -9.82 -5.92 10.03
N CYS A 48 -9.94 -7.15 9.52
CA CYS A 48 -9.39 -7.46 8.22
C CYS A 48 -10.45 -7.40 7.13
N ASN A 49 -10.01 -7.50 5.87
CA ASN A 49 -10.86 -7.38 4.70
C ASN A 49 -11.07 -8.73 4.02
N ASP A 50 -9.94 -9.38 3.75
CA ASP A 50 -9.85 -10.58 2.93
C ASP A 50 -10.19 -11.80 3.80
N GLU A 51 -11.12 -12.62 3.31
CA GLU A 51 -11.52 -13.83 4.03
C GLU A 51 -10.94 -15.07 3.36
N GLU A 52 -10.09 -14.90 2.33
CA GLU A 52 -9.52 -16.01 1.56
C GLU A 52 -7.99 -16.06 1.63
N ARG A 53 -7.33 -14.91 1.47
CA ARG A 53 -5.88 -14.79 1.38
C ARG A 53 -5.32 -15.80 0.37
N ILE A 54 -5.80 -15.66 -0.86
CA ILE A 54 -5.44 -16.50 -1.99
C ILE A 54 -3.95 -16.33 -2.39
N ASP A 55 -3.34 -15.19 -2.02
CA ASP A 55 -1.91 -14.94 -2.20
C ASP A 55 -1.08 -16.03 -1.51
N GLY A 56 -1.59 -16.59 -0.38
CA GLY A 56 -0.90 -17.67 0.32
C GLY A 56 0.18 -17.21 1.32
N HIS A 57 0.26 -15.91 1.62
CA HIS A 57 1.29 -15.36 2.49
C HIS A 57 0.74 -14.54 3.64
N PRO A 58 0.03 -15.18 4.60
CA PRO A 58 -0.56 -14.45 5.71
C PRO A 58 0.46 -13.83 6.66
N ASP A 59 1.73 -14.22 6.48
CA ASP A 59 2.82 -13.61 7.24
C ASP A 59 3.37 -12.35 6.56
N ALA A 60 2.71 -11.87 5.50
CA ALA A 60 3.15 -10.67 4.81
C ALA A 60 2.09 -9.56 4.84
N ILE A 61 2.60 -8.32 5.00
CA ILE A 61 1.81 -7.10 4.99
C ILE A 61 1.77 -6.61 3.54
N CYS A 62 0.60 -6.12 3.05
CA CYS A 62 0.53 -5.69 1.67
C CYS A 62 0.57 -4.18 1.57
N LEU A 63 1.46 -3.65 0.75
CA LEU A 63 1.59 -2.22 0.47
C LEU A 63 1.40 -1.99 -1.04
N SER A 64 1.19 -0.71 -1.40
CA SER A 64 1.18 -0.26 -2.78
C SER A 64 2.29 0.77 -2.96
N VAL A 65 2.71 0.94 -4.21
CA VAL A 65 3.68 1.94 -4.61
C VAL A 65 2.94 3.13 -5.22
N SER A 66 3.12 4.33 -4.64
CA SER A 66 2.67 5.61 -5.20
C SER A 66 1.17 5.86 -5.27
N TYR A 67 0.35 4.82 -5.18
CA TYR A 67 -1.08 5.00 -5.20
C TYR A 67 -1.69 3.75 -4.60
N PRO A 68 -2.78 3.85 -3.79
CA PRO A 68 -3.42 2.65 -3.23
C PRO A 68 -4.01 1.76 -4.33
N ASN A 69 -4.31 0.53 -3.95
CA ASN A 69 -5.09 -0.36 -4.84
C ASN A 69 -6.53 0.16 -4.76
N ALA A 70 -6.87 1.12 -5.62
CA ALA A 70 -8.13 1.83 -5.53
C ALA A 70 -9.32 0.93 -5.78
N LYS A 71 -9.08 -0.21 -6.47
CA LYS A 71 -10.16 -1.12 -6.80
C LYS A 71 -10.57 -1.93 -5.58
N MET A 72 -9.61 -2.63 -4.97
CA MET A 72 -9.91 -3.37 -3.76
C MET A 72 -10.36 -2.42 -2.65
N PHE A 73 -9.71 -1.24 -2.55
CA PHE A 73 -10.03 -0.30 -1.47
C PHE A 73 -11.50 0.12 -1.56
N TYR A 74 -11.95 0.53 -2.78
CA TYR A 74 -13.34 0.97 -2.92
C TYR A 74 -14.32 -0.16 -2.59
N LYS A 75 -14.02 -1.38 -3.01
CA LYS A 75 -14.87 -2.54 -2.68
C LYS A 75 -15.12 -2.60 -1.17
N TYR A 76 -14.04 -2.51 -0.37
CA TYR A 76 -14.19 -2.70 1.06
C TYR A 76 -14.79 -1.48 1.73
N ARG A 77 -14.61 -0.27 1.17
CA ARG A 77 -15.36 0.86 1.67
C ARG A 77 -16.87 0.70 1.48
N CYS A 78 -17.27 0.06 0.41
CA CYS A 78 -18.71 -0.19 0.21
C CYS A 78 -19.24 -1.22 1.22
N LEU A 79 -18.37 -2.19 1.60
CA LEU A 79 -18.81 -3.31 2.42
C LEU A 79 -18.70 -3.05 3.91
N LYS A 80 -17.83 -2.13 4.31
CA LYS A 80 -17.52 -1.91 5.73
C LYS A 80 -17.70 -0.43 6.01
N PRO A 81 -18.80 -0.07 6.67
CA PRO A 81 -19.03 1.33 7.00
C PRO A 81 -18.03 1.83 8.02
N GLY A 82 -18.00 3.14 8.12
CA GLY A 82 -17.12 3.81 9.04
C GLY A 82 -15.94 4.39 8.25
N ASP A 83 -15.07 5.09 8.96
CA ASP A 83 -13.98 5.83 8.33
C ASP A 83 -12.84 4.87 7.94
N TRP A 84 -12.35 5.05 6.72
CA TRP A 84 -11.12 4.42 6.25
C TRP A 84 -9.98 5.43 6.23
N VAL A 85 -8.76 4.95 6.50
CA VAL A 85 -7.59 5.80 6.47
C VAL A 85 -6.57 5.20 5.51
N ILE A 86 -5.59 6.03 5.11
CA ILE A 86 -4.54 5.58 4.19
C ILE A 86 -3.20 5.95 4.82
N LEU A 87 -2.41 4.93 5.17
CA LEU A 87 -1.08 5.17 5.72
C LEU A 87 -0.12 5.45 4.58
N GLU A 88 0.73 6.48 4.73
CA GLU A 88 1.80 6.76 3.82
C GLU A 88 3.10 6.30 4.46
N ILE A 89 3.89 5.52 3.73
CA ILE A 89 5.03 4.81 4.28
C ILE A 89 6.28 5.17 3.46
N ASN A 90 7.40 5.29 4.17
CA ASN A 90 8.69 5.59 3.56
C ASN A 90 9.03 4.55 2.51
N PRO A 91 9.37 4.95 1.27
CA PRO A 91 9.87 3.98 0.29
C PRO A 91 11.06 3.13 0.74
N SER A 92 11.81 3.56 1.75
CA SER A 92 12.91 2.81 2.32
C SER A 92 12.51 1.38 2.72
N VAL A 93 11.24 1.12 3.06
CA VAL A 93 10.78 -0.23 3.36
C VAL A 93 11.15 -1.19 2.23
N LEU A 94 11.11 -0.71 0.99
CA LEU A 94 11.31 -1.57 -0.19
C LEU A 94 12.68 -2.22 -0.21
N TRP A 95 13.72 -1.57 0.36
CA TRP A 95 15.05 -2.19 0.51
C TRP A 95 15.36 -2.60 1.95
N ALA A 96 14.76 -1.95 2.96
CA ALA A 96 15.15 -2.17 4.33
C ALA A 96 14.50 -3.40 4.91
N LYS A 97 13.35 -3.80 4.35
CA LYS A 97 12.59 -4.92 4.84
C LYS A 97 12.54 -5.98 3.75
N ASP A 98 12.14 -7.19 4.16
CA ASP A 98 12.11 -8.35 3.26
C ASP A 98 10.84 -8.28 2.41
N CYS A 99 10.98 -7.74 1.20
CA CYS A 99 9.86 -7.46 0.31
C CYS A 99 9.83 -8.37 -0.91
N ALA A 100 8.63 -8.79 -1.31
CA ALA A 100 8.37 -9.34 -2.62
C ALA A 100 7.52 -8.35 -3.41
N PHE A 101 7.75 -8.32 -4.72
CA PHE A 101 7.24 -7.32 -5.62
C PHE A 101 6.35 -8.02 -6.64
N TYR A 102 5.10 -7.56 -6.79
CA TYR A 102 4.15 -8.20 -7.70
C TYR A 102 3.56 -7.19 -8.68
N PRO A 103 3.60 -7.45 -10.00
CA PRO A 103 3.10 -6.46 -10.97
C PRO A 103 1.59 -6.26 -10.96
N THR A 104 0.85 -7.19 -10.31
CA THR A 104 -0.57 -7.05 -10.10
C THR A 104 -0.83 -7.53 -8.68
N ASN A 105 -2.13 -7.62 -8.36
CA ASN A 105 -2.58 -8.12 -7.08
C ASN A 105 -1.87 -9.45 -6.76
N ALA A 106 -1.34 -9.58 -5.53
CA ALA A 106 -0.55 -10.75 -5.10
C ALA A 106 -1.41 -12.02 -5.06
N ALA A 107 -2.75 -11.85 -5.05
CA ALA A 107 -3.66 -13.01 -5.12
C ALA A 107 -3.96 -13.47 -6.53
N SER A 108 -3.45 -12.80 -7.57
CA SER A 108 -3.70 -13.20 -8.95
C SER A 108 -2.98 -14.49 -9.32
N ASN A 109 -3.69 -15.37 -10.06
CA ASN A 109 -3.07 -16.55 -10.69
C ASN A 109 -1.90 -16.18 -11.60
N ASN A 110 -1.85 -14.95 -12.12
CA ASN A 110 -0.78 -14.53 -13.00
C ASN A 110 0.58 -14.48 -12.28
N VAL A 111 0.59 -14.35 -10.94
CA VAL A 111 1.82 -14.15 -10.22
C VAL A 111 2.02 -15.09 -9.04
N ARG A 112 0.96 -15.68 -8.46
CA ARG A 112 1.07 -16.27 -7.14
C ARG A 112 1.76 -17.64 -7.18
N PHE A 113 1.96 -18.23 -8.36
CA PHE A 113 2.57 -19.56 -8.43
C PHE A 113 4.09 -19.51 -8.61
N ILE A 114 4.62 -18.33 -8.95
CA ILE A 114 6.06 -18.15 -9.18
C ILE A 114 6.82 -18.33 -7.85
N ASN A 115 7.93 -19.04 -7.93
CA ASN A 115 8.93 -19.14 -6.85
C ASN A 115 9.08 -17.79 -6.17
N LEU A 116 8.74 -17.71 -4.87
CA LEU A 116 8.76 -16.45 -4.13
C LEU A 116 10.15 -15.78 -4.21
N ASP A 117 11.21 -16.57 -4.28
CA ASP A 117 12.56 -16.02 -4.34
C ASP A 117 12.75 -15.15 -5.59
N LEU A 118 12.08 -15.46 -6.71
CA LEU A 118 12.21 -14.65 -7.92
C LEU A 118 11.46 -13.31 -7.81
N MET A 119 10.60 -13.16 -6.78
CA MET A 119 9.80 -11.97 -6.63
C MET A 119 10.47 -10.98 -5.69
N LYS A 120 11.68 -11.30 -5.17
CA LYS A 120 12.39 -10.40 -4.29
C LYS A 120 13.39 -9.62 -5.17
N GLY A 121 13.86 -8.51 -4.74
CA GLY A 121 14.93 -7.98 -5.61
C GLY A 121 14.50 -7.00 -6.71
N ALA A 122 15.51 -6.30 -7.24
CA ALA A 122 15.29 -5.16 -8.10
C ALA A 122 14.64 -5.57 -9.42
N GLU A 123 15.02 -6.72 -9.96
CA GLU A 123 14.40 -7.22 -11.20
C GLU A 123 12.89 -7.37 -11.03
N ALA A 124 12.46 -7.96 -9.92
CA ALA A 124 11.03 -8.08 -9.68
C ALA A 124 10.39 -6.69 -9.47
N PHE A 125 11.07 -5.80 -8.73
CA PHE A 125 10.53 -4.45 -8.61
C PHE A 125 10.36 -3.73 -9.95
N SER A 126 11.34 -3.81 -10.87
CA SER A 126 11.24 -3.09 -12.13
CA SER A 126 11.26 -3.10 -12.16
C SER A 126 10.04 -3.56 -12.95
N ALA A 127 9.66 -4.82 -12.79
CA ALA A 127 8.54 -5.41 -13.52
C ALA A 127 7.20 -4.72 -13.20
N LEU A 128 7.13 -3.97 -12.11
CA LEU A 128 5.90 -3.26 -11.78
C LEU A 128 5.64 -2.10 -12.75
N PHE A 129 6.65 -1.68 -13.51
CA PHE A 129 6.56 -0.53 -14.41
C PHE A 129 6.63 -0.93 -15.88
N SER A 130 6.46 -2.22 -16.15
CA SER A 130 6.57 -2.75 -17.51
CA SER A 130 6.56 -2.76 -17.50
C SER A 130 5.53 -2.12 -18.45
N GLU A 131 5.87 -2.14 -19.74
CA GLU A 131 4.96 -1.63 -20.78
C GLU A 131 3.67 -2.42 -20.88
N ASN A 132 3.64 -3.68 -20.49
CA ASN A 132 2.42 -4.45 -20.56
C ASN A 132 2.38 -5.39 -19.35
N VAL A 133 1.39 -5.26 -18.48
CA VAL A 133 1.24 -6.14 -17.35
C VAL A 133 -0.05 -6.95 -17.50
N PHE A 134 0.11 -8.22 -17.90
CA PHE A 134 -0.91 -9.22 -18.10
C PHE A 134 -2.08 -8.62 -18.85
N GLY A 135 -1.75 -7.83 -19.87
CA GLY A 135 -2.73 -7.25 -20.76
C GLY A 135 -3.02 -5.78 -20.53
N ILE A 136 -2.56 -5.18 -19.43
CA ILE A 136 -2.71 -3.73 -19.24
C ILE A 136 -1.52 -3.05 -19.88
N GLN A 137 -1.78 -2.24 -20.91
CA GLN A 137 -0.73 -1.53 -21.62
C GLN A 137 -0.50 -0.23 -20.87
N ARG A 138 0.75 0.05 -20.46
CA ARG A 138 1.03 1.28 -19.77
C ARG A 138 0.75 2.49 -20.67
N ASP A 139 0.02 3.48 -20.15
CA ASP A 139 -0.20 4.74 -20.85
C ASP A 139 1.11 5.53 -20.94
N VAL A 140 1.42 6.09 -22.13
CA VAL A 140 2.67 6.82 -22.37
C VAL A 140 2.78 8.08 -21.48
N ASN A 141 1.63 8.61 -21.04
CA ASN A 141 1.57 9.78 -20.13
C ASN A 141 1.50 9.42 -18.64
N LEU A 142 1.51 8.13 -18.29
CA LEU A 142 1.42 7.76 -16.89
C LEU A 142 2.73 8.22 -16.24
N PRO A 143 2.74 9.02 -15.19
CA PRO A 143 4.03 9.39 -14.57
C PRO A 143 4.84 8.21 -14.05
N SER A 144 6.18 8.43 -14.04
CA SER A 144 7.16 7.38 -13.78
C SER A 144 6.98 6.66 -12.45
N GLU A 145 6.40 7.31 -11.41
CA GLU A 145 6.34 6.74 -10.08
C GLU A 145 5.18 5.74 -9.97
N TYR A 146 4.26 5.73 -10.95
CA TYR A 146 3.08 4.90 -10.88
C TYR A 146 3.34 3.54 -11.52
N THR A 147 2.79 2.52 -10.88
CA THR A 147 2.83 1.16 -11.41
C THR A 147 1.87 1.04 -12.60
N THR A 148 2.20 0.18 -13.54
CA THR A 148 1.40 0.04 -14.76
C THR A 148 -0.03 -0.39 -14.38
N ASP A 149 -0.12 -1.39 -13.53
CA ASP A 149 -1.37 -1.90 -12.99
C ASP A 149 -1.53 -1.27 -11.62
N VAL A 150 -2.66 -0.60 -11.35
CA VAL A 150 -2.90 0.04 -10.07
C VAL A 150 -2.84 -0.97 -8.93
N GLN A 151 -3.10 -2.26 -9.21
CA GLN A 151 -3.12 -3.29 -8.17
C GLN A 151 -1.73 -3.88 -7.86
N ALA A 152 -0.66 -3.41 -8.51
CA ALA A 152 0.71 -3.84 -8.18
C ALA A 152 0.91 -3.79 -6.67
N ALA A 153 1.55 -4.84 -6.16
CA ALA A 153 1.62 -5.06 -4.72
C ALA A 153 3.04 -5.32 -4.23
N ILE A 154 3.27 -4.89 -2.99
CA ILE A 154 4.45 -5.25 -2.23
C ILE A 154 3.99 -6.13 -1.08
N LEU A 155 4.61 -7.30 -0.91
CA LEU A 155 4.39 -8.09 0.27
C LEU A 155 5.64 -8.00 1.16
N VAL A 156 5.41 -7.59 2.42
CA VAL A 156 6.49 -7.34 3.35
C VAL A 156 6.44 -8.42 4.43
N PHE A 157 7.49 -9.25 4.48
CA PHE A 157 7.49 -10.46 5.28
C PHE A 157 8.07 -10.21 6.68
N GLU A 158 8.11 -8.97 7.10
CA GLU A 158 8.37 -8.68 8.49
C GLU A 158 7.59 -7.43 8.92
N LYS A 159 7.57 -7.20 10.23
CA LYS A 159 6.85 -6.08 10.79
C LYS A 159 7.39 -4.75 10.23
N ILE A 160 6.52 -3.75 10.15
CA ILE A 160 6.91 -2.39 9.79
C ILE A 160 6.69 -1.48 10.98
N PRO A 161 7.77 -1.11 11.73
CA PRO A 161 7.61 -0.23 12.87
C PRO A 161 6.97 1.10 12.51
N PRO A 162 6.33 1.77 13.47
CA PRO A 162 5.58 2.97 13.16
C PRO A 162 6.43 4.16 12.72
N SER A 163 7.74 4.12 12.96
CA SER A 163 8.60 5.19 12.48
C SER A 163 8.63 5.25 10.94
N TYR A 164 8.34 4.15 10.23
CA TYR A 164 8.24 4.19 8.78
C TYR A 164 6.96 4.82 8.22
N ILE A 165 5.97 5.08 9.09
CA ILE A 165 4.73 5.73 8.67
C ILE A 165 4.99 7.22 8.68
N ILE A 166 5.00 7.79 7.48
CA ILE A 166 5.35 9.18 7.34
C ILE A 166 4.16 10.11 7.50
N SER A 167 2.94 9.65 7.18
CA SER A 167 1.74 10.40 7.49
C SER A 167 0.56 9.44 7.35
N THR A 168 -0.59 9.91 7.78
CA THR A 168 -1.83 9.17 7.66
C THR A 168 -2.91 10.10 7.11
N PHE A 169 -3.63 9.61 6.10
CA PHE A 169 -4.74 10.35 5.52
C PHE A 169 -6.11 9.89 6.01
N HIS A 170 -6.95 10.88 6.30
CA HIS A 170 -8.27 10.72 6.87
C HIS A 170 -9.32 11.29 5.93
N PRO A 171 -10.58 10.82 6.05
CA PRO A 171 -11.63 11.26 5.14
C PRO A 171 -12.40 12.49 5.61
N ASN A 172 -12.07 12.92 6.85
CA ASN A 172 -12.66 14.13 7.41
C ASN A 172 -11.71 14.69 8.45
N LYS A 173 -11.90 15.98 8.73
CA LYS A 173 -11.08 16.68 9.71
C LYS A 173 -11.22 16.09 11.11
N GLU A 174 -12.43 15.71 11.54
CA GLU A 174 -12.63 15.22 12.91
C GLU A 174 -11.76 13.98 13.16
N SER A 175 -11.70 13.06 12.19
CA SER A 175 -10.91 11.82 12.28
C SER A 175 -9.43 12.18 12.47
N ALA A 176 -8.93 13.08 11.63
CA ALA A 176 -7.53 13.52 11.73
C ALA A 176 -7.26 14.15 13.08
N GLU A 177 -8.16 15.02 13.58
CA GLU A 177 -7.94 15.70 14.82
C GLU A 177 -7.95 14.72 15.99
N HIS A 178 -8.83 13.71 15.94
CA HIS A 178 -8.90 12.70 16.97
C HIS A 178 -7.56 12.01 17.16
N PHE A 179 -7.03 11.51 16.04
CA PHE A 179 -5.76 10.81 16.05
C PHE A 179 -4.57 11.73 16.31
N LYS A 180 -4.63 12.98 15.89
CA LYS A 180 -3.55 13.92 16.20
C LYS A 180 -3.46 14.13 17.72
N ARG A 181 -4.61 14.21 18.40
CA ARG A 181 -4.58 14.38 19.84
C ARG A 181 -3.91 13.20 20.51
N LEU A 182 -4.19 11.99 20.04
CA LEU A 182 -3.60 10.78 20.60
C LEU A 182 -2.13 10.60 20.22
N TYR A 183 -1.74 11.12 19.05
CA TYR A 183 -0.39 10.93 18.51
C TYR A 183 0.20 12.26 18.05
N PRO A 184 0.48 13.18 19.00
CA PRO A 184 0.80 14.56 18.62
C PRO A 184 2.08 14.75 17.81
N GLN A 185 2.99 13.78 17.85
CA GLN A 185 4.24 13.83 17.10
C GLN A 185 4.10 13.33 15.68
N THR A 186 2.91 12.88 15.28
CA THR A 186 2.70 12.32 13.96
C THR A 186 1.92 13.30 13.10
N ILE A 187 2.00 13.06 11.77
CA ILE A 187 1.30 13.88 10.80
C ILE A 187 -0.01 13.18 10.45
N GLN A 188 -1.12 13.88 10.69
CA GLN A 188 -2.45 13.37 10.40
C GLN A 188 -3.07 14.33 9.39
N ARG A 189 -3.36 13.85 8.19
CA ARG A 189 -3.82 14.70 7.10
C ARG A 189 -5.29 14.38 6.78
N TYR A 190 -5.98 15.28 6.12
CA TYR A 190 -7.38 15.05 5.81
C TYR A 190 -7.77 15.86 4.58
N TYR A 191 -8.89 15.45 4.02
CA TYR A 191 -9.57 16.14 2.96
C TYR A 191 -10.85 16.77 3.53
N ASP A 192 -11.14 17.98 3.11
CA ASP A 192 -12.40 18.56 3.57
CA ASP A 192 -12.38 18.67 3.49
C ASP A 192 -13.50 18.17 2.59
N ASN A 193 -13.27 18.33 1.30
CA ASN A 193 -14.29 17.94 0.31
C ASN A 193 -13.84 16.66 -0.36
N LEU A 194 -14.64 15.56 -0.20
CA LEU A 194 -14.27 14.32 -0.85
C LEU A 194 -14.73 14.29 -2.32
N ASN A 195 -15.48 15.31 -2.73
CA ASN A 195 -15.71 15.56 -4.17
C ASN A 195 -14.50 16.34 -4.67
N ALA A 196 -13.51 15.60 -5.11
CA ALA A 196 -12.16 16.06 -5.42
C ALA A 196 -11.35 14.85 -5.88
N ARG A 197 -10.16 15.12 -6.39
CA ARG A 197 -9.21 14.06 -6.67
C ARG A 197 -8.47 13.82 -5.37
N THR A 198 -8.70 12.68 -4.74
CA THR A 198 -8.15 12.35 -3.43
C THR A 198 -7.55 10.94 -3.53
N LEU A 199 -6.82 10.49 -2.50
CA LEU A 199 -6.33 9.12 -2.48
C LEU A 199 -7.45 8.08 -2.34
N TYR A 200 -8.71 8.51 -2.12
CA TYR A 200 -9.89 7.66 -2.16
C TYR A 200 -10.44 7.46 -3.58
N SER A 201 -9.92 8.21 -4.57
CA SER A 201 -10.38 8.18 -5.95
C SER A 201 -9.81 6.98 -6.71
N GLN A 202 -10.48 6.60 -7.80
CA GLN A 202 -9.85 5.72 -8.76
C GLN A 202 -8.65 6.48 -9.35
N ARG A 203 -7.61 5.75 -9.70
CA ARG A 203 -6.38 6.37 -10.15
C ARG A 203 -6.54 7.15 -11.45
N HIS A 204 -7.32 6.61 -12.40
CA HIS A 204 -7.51 7.26 -13.69
C HIS A 204 -8.12 8.66 -13.51
N TYR A 205 -9.04 8.81 -12.54
CA TYR A 205 -9.61 10.11 -12.24
C TYR A 205 -8.57 10.99 -11.52
N TYR A 206 -7.90 10.41 -10.53
CA TYR A 206 -6.87 11.14 -9.79
C TYR A 206 -5.84 11.80 -10.71
N LEU A 207 -5.45 11.11 -11.77
CA LEU A 207 -4.38 11.53 -12.67
C LEU A 207 -4.92 12.20 -13.93
N GLY A 208 -6.23 12.43 -13.95
CA GLY A 208 -6.88 12.96 -15.14
C GLY A 208 -6.87 14.47 -15.20
C1 EDO C . -2.53 16.56 1.62
O1 EDO C . -2.63 16.86 3.06
C2 EDO C . -3.82 16.27 0.99
O2 EDO C . -4.84 16.58 1.94
C1 EDO D . -14.18 7.11 3.70
O1 EDO D . -14.07 6.21 4.81
C2 EDO D . -15.22 6.93 2.61
O2 EDO D . -14.99 7.72 1.37
C1 EDO E . -4.64 17.23 12.54
O1 EDO E . -3.29 17.64 12.34
C2 EDO E . -5.54 17.89 11.62
O2 EDO E . -5.22 19.25 11.53
C1 EDO F . -11.64 17.91 -14.09
O1 EDO F . -12.02 17.15 -15.23
C2 EDO F . -11.88 19.36 -13.87
O2 EDO F . -10.98 19.51 -12.74
C1 EDO G . 12.02 5.21 10.01
O1 EDO G . 12.57 4.01 10.61
C2 EDO G . 11.75 5.43 8.48
O2 EDO G . 10.92 6.69 8.10
C1 EDO H . 5.42 -10.89 -15.06
O1 EDO H . 5.54 -9.50 -15.32
C2 EDO H . 5.66 -11.38 -13.66
O2 EDO H . 6.22 -12.70 -13.68
C1 EDO I . 6.17 -20.09 -4.30
O1 EDO I . 7.51 -19.93 -3.62
C2 EDO I . 5.04 -19.05 -4.22
O2 EDO I . 4.95 -18.43 -2.89
N1 NCA J . -2.88 -3.92 -2.01
C2 NCA J . -2.87 -3.07 -0.97
C3 NCA J . -3.52 -3.30 0.23
C4 NCA J . -4.23 -4.49 0.37
C5 NCA J . -4.26 -5.39 -0.68
C6 NCA J . -3.58 -5.05 -1.85
C7 NCA J . -3.52 -2.27 1.35
O7 NCA J . -3.17 -1.12 1.08
N7 NCA J . -4.10 -2.54 2.50
N1 APR K . -3.11 -3.50 14.57
C2 APR K . -4.29 -3.70 13.98
N3 APR K . -4.57 -4.00 12.71
C4 APR K . -3.43 -4.08 11.99
C5 APR K . -2.14 -3.93 12.45
C6 APR K . -1.99 -3.63 13.82
N6 APR K . -0.83 -3.39 14.41
N7 APR K . -1.22 -4.08 11.41
C8 APR K . -1.96 -4.37 10.36
N9 APR K . -3.32 -4.36 10.66
C1' APR K . -4.44 -4.60 9.79
C2' APR K . -4.23 -4.23 8.32
O2' APR K . -4.26 -2.83 8.07
C3' APR K . -5.36 -4.99 7.66
O3' APR K . -6.57 -4.22 7.53
O4' APR K . -4.75 -5.96 9.75
C4' APR K . -5.62 -6.17 8.61
C5' APR K . -5.52 -7.57 8.05
O5' APR K . -4.35 -7.72 7.37
PA APR K . -4.30 -8.45 5.98
O1A APR K . -4.91 -9.82 5.96
O2A APR K . -2.82 -8.30 5.66
O3A APR K . -5.10 -7.47 4.97
PB APR K . -6.37 -7.67 4.00
O1B APR K . -6.46 -6.28 3.42
O2B APR K . -7.47 -8.34 4.75
O5D APR K . -5.82 -8.69 2.89
C5D APR K . -4.65 -8.27 2.09
O4D APR K . -5.62 -8.93 -0.06
C1D APR K . -5.25 -9.71 -1.20
O2D APR K . -3.13 -10.81 -1.82
C2D APR K . -3.73 -9.62 -1.32
O3D APR K . -2.29 -9.99 0.69
C3D APR K . -3.27 -9.17 0.07
C4D APR K . -4.56 -9.22 0.91
#